data_6U26
#
_entry.id   6U26
#
_cell.length_a   62.680
_cell.length_b   70.920
_cell.length_c   150.120
_cell.angle_alpha   90.000
_cell.angle_beta   90.000
_cell.angle_gamma   90.000
#
_symmetry.space_group_name_H-M   'P 21 21 21'
#
loop_
_entity.id
_entity.type
_entity.pdbx_description
1 polymer 'Proprotein convertase subtilisin/kexin type 9'
2 non-polymer "4'-{[(1R)-6-{2-[2-({N~5~-[N,N'-bis(tert-butoxycarbonyl)carbamimidoyl]-N~2~-(tert-butoxycarbonyl)-L-ornithyl}amino)ethoxy]ethoxy}-1-methyl-1-{2-oxo-2-[(1,3-thiazol-2-yl)amino]ethyl}-1,2,3,4-tetrahydroisoquinolin-7-yl]oxy}-2'-fluoro[1,1'-biphenyl]-4-carboxylic acid"
3 water water
#
_entity_poly.entity_id   1
_entity_poly.type   'polypeptide(L)'
_entity_poly.pdbx_seq_one_letter_code
;QEDEDGDYEELVLALRSEEDGLAEAPEHGTTATFHRCAKDPWRLPGTYVVVLKEETHLSQSERTARRLQAQAARRGYLTK
ILHVFHGLLPGFLVKMSGDLLELALKLPHVDYIEEDSSVFAQSIPWNLERITPPRYRADEYQPPDGGSLVEVYLLDTSIQ
SDHREIEGRVMVTDFENVPEEDGTRFHRQASKCDSHGTHLAGVVSGRDAGVAKGASMRSLRVLNCQGKGTVSGTLIGLEF
IRKSQLVQPVGPLVVLLPLAGGYSRVLNAACQRLARAGVVLVTAAGNFRDDACLYSPASAPEVITVGATNAQDQPVTLGT
LGTNFGRCVDLFAPGEDIIGASSDCSTCFVSQSGTSQAAAHVAGIAAMMLSAEPELTLAELRQRLIHFSAKDVINEAWFP
EDQRVLTPNLVAALPPSTHGAGWQLFCRTVWSAHSGPTRMATAIARCAPDEELLSCSSFSRSGKRRGERMEAQGGKLVCR
AHNAFGGEGVYAIARCCLLPQANCSVHTAPPAEASMGTRVHCHQQGHVLTGCSSHWEVEDLGTHKPPVLRPRGQPNQCVG
HREASIHASCCHAPGLECKVKEHGIPAPQEQVTVACEEGWTLTGCSALPGTSHVLGAYAVDNTCVVRSRDVSTTGSTSEE
AVTAVAICCRSRHLAQASQELQKGNSADIQHSGGRSSLEGPRFEGKPIPNPLLGLDSTRTGHHHHHH
;
_entity_poly.pdbx_strand_id   A,B
#
loop_
_chem_comp.id
_chem_comp.type
_chem_comp.name
_chem_comp.formula
063 non-polymer '4'-{[(1R)-6-{2-[2-({N~5~-[N,N'-bis(tert-butoxycarbonyl)carbamimidoyl]-N~2~-(tert-butoxycarbonyl)-L-ornithyl}amino)ethoxy]ethoxy}-1-methyl-1-{2-oxo-2-[(1,3-thiazol-2-yl)amino]ethyl}-1,2,3,4-tetrahydroisoquinolin-7-yl]oxy}-2'-fluoro[1,1'-biphenyl]-4-carboxylic acid' 'C53 H69 F N8 O13 S'
#
# COMPACT_ATOMS: atom_id res chain seq x y z
N THR A 31 -28.45 -6.02 7.47
CA THR A 31 -27.46 -5.07 6.94
C THR A 31 -26.06 -5.26 7.58
N ALA A 32 -25.99 -5.30 8.92
CA ALA A 32 -24.72 -5.48 9.65
C ALA A 32 -24.16 -6.88 9.43
N THR A 33 -22.83 -6.98 9.28
CA THR A 33 -22.15 -8.24 9.02
C THR A 33 -21.14 -8.58 10.11
N PHE A 34 -20.77 -9.86 10.18
CA PHE A 34 -19.83 -10.37 11.16
C PHE A 34 -18.59 -10.93 10.44
N HIS A 35 -17.42 -10.71 11.03
CA HIS A 35 -16.15 -11.13 10.47
C HIS A 35 -15.22 -11.69 11.52
N ARG A 36 -14.50 -12.77 11.17
CA ARG A 36 -13.49 -13.34 12.07
C ARG A 36 -12.28 -13.69 11.24
N CYS A 37 -11.09 -13.69 11.86
CA CYS A 37 -9.85 -13.97 11.16
C CYS A 37 -9.91 -15.31 10.42
N ALA A 38 -9.43 -15.32 9.18
CA ALA A 38 -9.41 -16.53 8.35
C ALA A 38 -8.35 -17.54 8.82
N LYS A 39 -7.33 -17.06 9.56
CA LYS A 39 -6.25 -17.89 10.13
C LYS A 39 -6.74 -18.33 11.52
N ASP A 40 -7.30 -19.56 11.57
CA ASP A 40 -7.88 -20.13 12.79
C ASP A 40 -7.00 -19.98 14.05
N PRO A 41 -5.67 -20.30 14.00
CA PRO A 41 -4.84 -20.16 15.23
C PRO A 41 -4.70 -18.72 15.71
N TRP A 42 -5.03 -17.73 14.87
CA TRP A 42 -4.86 -16.33 15.27
C TRP A 42 -6.14 -15.69 15.78
N ARG A 43 -7.25 -16.43 15.78
CA ARG A 43 -8.51 -15.91 16.27
C ARG A 43 -8.48 -15.78 17.81
N LEU A 44 -9.18 -14.79 18.34
CA LEU A 44 -9.33 -14.55 19.78
C LEU A 44 -10.82 -14.49 20.14
N PRO A 45 -11.51 -15.66 20.15
CA PRO A 45 -12.95 -15.67 20.47
C PRO A 45 -13.26 -15.09 21.86
N GLY A 46 -14.43 -14.50 22.00
CA GLY A 46 -14.84 -13.94 23.28
C GLY A 46 -14.62 -12.45 23.43
N THR A 47 -13.97 -11.81 22.44
CA THR A 47 -13.73 -10.35 22.43
C THR A 47 -14.04 -9.87 21.02
N TYR A 48 -14.90 -8.83 20.93
CA TYR A 48 -15.38 -8.34 19.66
C TYR A 48 -15.26 -6.84 19.55
N VAL A 49 -14.93 -6.37 18.34
CA VAL A 49 -14.89 -4.95 18.03
C VAL A 49 -16.22 -4.67 17.31
N VAL A 50 -17.06 -3.84 17.92
CA VAL A 50 -18.34 -3.49 17.36
C VAL A 50 -18.14 -2.16 16.68
N VAL A 51 -18.20 -2.16 15.36
CA VAL A 51 -17.99 -0.96 14.55
C VAL A 51 -19.30 -0.33 14.16
N LEU A 52 -19.48 0.94 14.50
CA LEU A 52 -20.69 1.67 14.17
C LEU A 52 -20.56 2.46 12.85
N LYS A 53 -21.70 2.90 12.27
CA LYS A 53 -21.68 3.62 11.00
C LYS A 53 -20.86 4.90 11.11
N GLU A 54 -20.21 5.28 10.01
CA GLU A 54 -19.29 6.42 9.90
C GLU A 54 -19.58 7.66 10.78
N GLU A 55 -20.76 8.26 10.66
CA GLU A 55 -20.96 9.52 11.40
C GLU A 55 -21.55 9.35 12.82
N THR A 56 -21.52 8.11 13.38
CA THR A 56 -22.02 7.86 14.74
C THR A 56 -21.24 8.66 15.77
N HIS A 57 -21.97 9.39 16.62
CA HIS A 57 -21.36 10.23 17.65
C HIS A 57 -20.94 9.39 18.85
N LEU A 58 -19.91 9.86 19.57
CA LEU A 58 -19.48 9.20 20.79
C LEU A 58 -20.63 8.90 21.79
N SER A 59 -21.56 9.87 21.98
CA SER A 59 -22.68 9.66 22.90
C SER A 59 -23.53 8.47 22.45
N GLN A 60 -23.71 8.31 21.12
CA GLN A 60 -24.52 7.22 20.53
C GLN A 60 -23.76 5.91 20.71
N SER A 61 -22.43 5.93 20.50
CA SER A 61 -21.61 4.74 20.74
C SER A 61 -21.72 4.23 22.19
N GLU A 62 -21.66 5.14 23.16
CA GLU A 62 -21.79 4.77 24.56
C GLU A 62 -23.17 4.16 24.86
N ARG A 63 -24.24 4.79 24.34
CA ARG A 63 -25.63 4.36 24.58
C ARG A 63 -25.85 2.98 23.95
N THR A 64 -25.23 2.75 22.77
CA THR A 64 -25.30 1.43 22.09
C THR A 64 -24.61 0.36 22.93
N ALA A 65 -23.43 0.68 23.49
CA ALA A 65 -22.70 -0.26 24.34
C ALA A 65 -23.54 -0.60 25.58
N ARG A 66 -24.15 0.41 26.22
CA ARG A 66 -24.98 0.16 27.41
C ARG A 66 -26.23 -0.67 27.06
N ARG A 67 -26.81 -0.44 25.86
CA ARG A 67 -28.01 -1.16 25.37
C ARG A 67 -27.67 -2.64 25.21
N LEU A 68 -26.50 -2.92 24.61
CA LEU A 68 -26.02 -4.30 24.48
C LEU A 68 -25.88 -4.96 25.84
N GLN A 69 -25.23 -4.25 26.80
CA GLN A 69 -25.04 -4.79 28.15
C GLN A 69 -26.37 -5.12 28.84
N ALA A 70 -27.39 -4.25 28.70
CA ALA A 70 -28.73 -4.42 29.28
C ALA A 70 -29.45 -5.61 28.64
N GLN A 71 -29.48 -5.66 27.30
CA GLN A 71 -30.08 -6.78 26.56
C GLN A 71 -29.43 -8.12 26.91
N ALA A 72 -28.08 -8.13 27.02
CA ALA A 72 -27.33 -9.34 27.38
C ALA A 72 -27.68 -9.79 28.80
N ALA A 73 -27.72 -8.83 29.77
CA ALA A 73 -28.04 -9.08 31.19
C ALA A 73 -29.41 -9.74 31.36
N ARG A 74 -30.41 -9.30 30.58
CA ARG A 74 -31.77 -9.85 30.58
C ARG A 74 -31.76 -11.32 30.14
N ARG A 75 -30.75 -11.72 29.34
CA ARG A 75 -30.60 -13.09 28.84
C ARG A 75 -29.66 -13.89 29.70
N GLY A 76 -29.21 -13.28 30.79
CA GLY A 76 -28.34 -13.89 31.79
C GLY A 76 -26.87 -13.93 31.46
N TYR A 77 -26.43 -13.05 30.53
CA TYR A 77 -25.02 -12.98 30.13
C TYR A 77 -24.31 -11.80 30.74
N LEU A 78 -23.10 -12.04 31.26
CA LEU A 78 -22.23 -11.00 31.78
C LEU A 78 -21.44 -10.44 30.59
N THR A 79 -21.30 -9.12 30.50
CA THR A 79 -20.52 -8.50 29.41
C THR A 79 -19.62 -7.46 30.04
N LYS A 80 -18.55 -7.09 29.33
CA LYS A 80 -17.65 -6.05 29.79
C LYS A 80 -17.26 -5.18 28.61
N ILE A 81 -17.51 -3.85 28.73
CA ILE A 81 -17.12 -2.88 27.71
C ILE A 81 -15.70 -2.50 28.05
N LEU A 82 -14.75 -3.01 27.26
CA LEU A 82 -13.33 -2.76 27.50
C LEU A 82 -12.85 -1.39 27.05
N HIS A 83 -13.46 -0.84 25.99
CA HIS A 83 -13.02 0.44 25.42
C HIS A 83 -14.12 0.98 24.56
N VAL A 84 -14.29 2.30 24.55
CA VAL A 84 -15.18 2.96 23.62
C VAL A 84 -14.31 3.74 22.64
N PHE A 85 -14.46 3.44 21.35
CA PHE A 85 -13.71 4.05 20.27
C PHE A 85 -14.34 5.35 19.79
N HIS A 86 -13.50 6.38 19.57
CA HIS A 86 -13.88 7.64 18.92
C HIS A 86 -12.60 8.39 18.50
N GLY A 87 -12.65 9.05 17.37
CA GLY A 87 -11.45 9.74 16.86
C GLY A 87 -11.09 9.19 15.51
N LEU A 88 -11.08 7.84 15.36
CA LEU A 88 -10.85 7.20 14.05
C LEU A 88 -12.12 6.52 13.61
N LEU A 89 -12.49 5.43 14.29
CA LEU A 89 -13.73 4.72 14.02
C LEU A 89 -14.63 4.86 15.25
N PRO A 90 -15.96 4.97 15.06
CA PRO A 90 -16.86 4.93 16.23
C PRO A 90 -17.19 3.47 16.56
N GLY A 91 -17.27 3.17 17.84
CA GLY A 91 -17.62 1.80 18.24
C GLY A 91 -17.13 1.46 19.61
N PHE A 92 -16.99 0.16 19.90
CA PHE A 92 -16.53 -0.25 21.21
C PHE A 92 -15.99 -1.66 21.17
N LEU A 93 -15.24 -1.97 22.18
CA LEU A 93 -14.62 -3.28 22.35
C LEU A 93 -15.37 -3.97 23.47
N VAL A 94 -15.88 -5.17 23.20
CA VAL A 94 -16.68 -5.87 24.21
C VAL A 94 -16.19 -7.30 24.42
N LYS A 95 -16.08 -7.69 25.70
CA LYS A 95 -15.79 -9.07 26.11
C LYS A 95 -17.15 -9.69 26.43
N MET A 96 -17.55 -10.67 25.61
CA MET A 96 -18.85 -11.31 25.75
C MET A 96 -18.86 -12.64 25.01
N SER A 97 -19.84 -13.49 25.32
CA SER A 97 -20.04 -14.75 24.65
C SER A 97 -20.44 -14.46 23.18
N GLY A 98 -19.94 -15.28 22.25
CA GLY A 98 -20.33 -15.17 20.84
C GLY A 98 -21.81 -15.43 20.63
N ASP A 99 -22.50 -16.09 21.63
CA ASP A 99 -23.98 -16.34 21.56
C ASP A 99 -24.76 -15.04 21.31
N LEU A 100 -24.23 -13.89 21.79
CA LEU A 100 -24.89 -12.58 21.67
C LEU A 100 -24.68 -11.86 20.35
N LEU A 101 -23.94 -12.48 19.41
CA LEU A 101 -23.67 -11.81 18.13
C LEU A 101 -24.91 -11.48 17.30
N GLU A 102 -25.89 -12.42 17.19
CA GLU A 102 -27.11 -12.13 16.42
C GLU A 102 -27.84 -10.91 17.02
N LEU A 103 -27.90 -10.81 18.36
CA LEU A 103 -28.52 -9.70 19.09
C LEU A 103 -27.71 -8.41 18.83
N ALA A 104 -26.36 -8.49 18.97
CA ALA A 104 -25.49 -7.33 18.76
C ALA A 104 -25.56 -6.78 17.33
N LEU A 105 -25.71 -7.68 16.31
CA LEU A 105 -25.83 -7.24 14.92
C LEU A 105 -27.11 -6.46 14.65
N LYS A 106 -28.11 -6.61 15.55
CA LYS A 106 -29.41 -5.92 15.44
C LYS A 106 -29.43 -4.55 16.14
N LEU A 107 -28.37 -4.20 16.89
CA LEU A 107 -28.30 -2.91 17.59
C LEU A 107 -28.33 -1.73 16.62
N PRO A 108 -28.96 -0.60 17.00
CA PRO A 108 -28.91 0.58 16.11
C PRO A 108 -27.46 1.03 15.91
N HIS A 109 -27.20 1.59 14.72
CA HIS A 109 -25.92 2.17 14.29
C HIS A 109 -24.84 1.15 13.93
N VAL A 110 -25.06 -0.15 14.15
CA VAL A 110 -24.02 -1.15 13.86
C VAL A 110 -23.72 -1.27 12.35
N ASP A 111 -22.43 -1.17 11.99
CA ASP A 111 -21.95 -1.34 10.61
C ASP A 111 -21.51 -2.81 10.47
N TYR A 112 -20.61 -3.25 11.36
CA TYR A 112 -20.12 -4.63 11.35
C TYR A 112 -19.45 -4.94 12.67
N ILE A 113 -19.22 -6.23 12.93
CA ILE A 113 -18.63 -6.69 14.17
C ILE A 113 -17.51 -7.63 13.75
N GLU A 114 -16.35 -7.44 14.37
CA GLU A 114 -15.19 -8.27 14.07
C GLU A 114 -14.67 -8.93 15.33
N GLU A 115 -14.46 -10.24 15.27
CA GLU A 115 -13.88 -10.97 16.39
C GLU A 115 -12.40 -10.52 16.49
N ASP A 116 -11.91 -10.28 17.71
CA ASP A 116 -10.52 -9.90 17.85
C ASP A 116 -9.56 -11.01 17.36
N SER A 117 -8.34 -10.64 16.96
CA SER A 117 -7.34 -11.59 16.46
C SER A 117 -5.92 -11.11 16.74
N SER A 118 -4.95 -12.01 16.65
CA SER A 118 -3.54 -11.68 16.96
C SER A 118 -2.80 -10.96 15.83
N VAL A 119 -1.83 -10.14 16.22
CA VAL A 119 -0.89 -9.52 15.31
C VAL A 119 0.48 -9.91 15.87
N PHE A 120 1.50 -9.93 15.00
CA PHE A 120 2.84 -10.39 15.37
C PHE A 120 3.93 -9.48 14.84
N ALA A 121 5.00 -9.32 15.62
CA ALA A 121 6.21 -8.58 15.20
C ALA A 121 6.74 -9.27 13.92
N GLN A 122 7.11 -8.47 12.91
CA GLN A 122 7.67 -9.03 11.67
C GLN A 122 9.21 -8.82 11.63
N SER B 123 33.02 -0.36 6.17
CA SER B 123 32.72 0.51 7.31
C SER B 123 31.23 0.82 7.39
N ILE B 124 30.63 1.38 6.32
CA ILE B 124 29.20 1.72 6.33
C ILE B 124 28.38 0.41 6.28
N PRO B 125 27.33 0.21 7.13
CA PRO B 125 26.48 -0.99 7.01
C PRO B 125 25.95 -1.10 5.58
N TRP B 126 25.95 -2.32 5.00
CA TRP B 126 25.56 -2.54 3.60
C TRP B 126 24.21 -1.83 3.24
N ASN B 127 23.24 -1.90 4.17
CA ASN B 127 21.87 -1.39 3.99
C ASN B 127 21.83 0.12 3.88
N LEU B 128 22.68 0.80 4.66
CA LEU B 128 22.75 2.27 4.59
C LEU B 128 23.42 2.72 3.30
N GLU B 129 24.42 1.94 2.82
CA GLU B 129 25.02 2.25 1.53
C GLU B 129 24.00 1.98 0.41
N ARG B 130 23.20 0.91 0.55
CA ARG B 130 22.24 0.49 -0.47
C ARG B 130 21.20 1.56 -0.77
N ILE B 131 20.74 2.28 0.26
CA ILE B 131 19.72 3.32 0.11
C ILE B 131 20.35 4.69 -0.25
N THR B 132 21.70 4.76 -0.29
CA THR B 132 22.40 6.00 -0.64
C THR B 132 22.35 6.18 -2.17
N PRO B 133 21.76 7.29 -2.64
CA PRO B 133 21.64 7.51 -4.09
C PRO B 133 22.98 7.80 -4.83
N PRO B 134 22.99 7.76 -6.20
CA PRO B 134 24.25 7.95 -6.94
C PRO B 134 24.92 9.32 -6.77
N ARG B 135 24.17 10.31 -6.25
CA ARG B 135 24.63 11.66 -5.95
C ARG B 135 24.03 12.08 -4.60
N TYR B 136 24.87 12.38 -3.61
CA TYR B 136 24.39 12.70 -2.26
C TYR B 136 25.25 13.70 -1.51
N ARG B 137 24.63 14.41 -0.54
CA ARG B 137 25.27 15.42 0.29
C ARG B 137 25.91 14.82 1.55
N SER B 148 14.31 18.28 13.47
CA SER B 148 13.34 17.18 13.43
C SER B 148 11.89 17.68 13.45
N LEU B 149 11.50 18.29 12.32
CA LEU B 149 10.19 18.84 11.97
C LEU B 149 9.11 17.70 11.93
N VAL B 150 9.59 16.50 11.59
CA VAL B 150 8.79 15.29 11.43
C VAL B 150 8.94 14.43 12.68
N GLU B 151 7.87 13.73 13.07
CA GLU B 151 7.93 12.77 14.16
C GLU B 151 7.57 11.40 13.63
N VAL B 152 8.26 10.36 14.09
CA VAL B 152 8.00 8.99 13.69
C VAL B 152 7.46 8.26 14.92
N TYR B 153 6.25 7.71 14.81
CA TYR B 153 5.61 6.92 15.85
C TYR B 153 5.89 5.46 15.57
N LEU B 154 6.22 4.69 16.60
CA LEU B 154 6.51 3.26 16.49
C LEU B 154 5.52 2.48 17.36
N LEU B 155 4.75 1.54 16.75
CA LEU B 155 3.84 0.67 17.51
C LEU B 155 4.52 -0.67 17.52
N ASP B 156 5.05 -1.07 18.66
CA ASP B 156 5.84 -2.30 18.65
C ASP B 156 5.98 -2.84 20.07
N THR B 157 7.08 -3.53 20.40
CA THR B 157 7.31 -4.06 21.74
C THR B 157 7.76 -2.88 22.60
N SER B 158 8.09 -3.12 23.87
CA SER B 158 8.70 -2.08 24.71
C SER B 158 10.11 -1.79 24.12
N ILE B 159 10.71 -0.66 24.46
CA ILE B 159 12.03 -0.33 23.95
C ILE B 159 12.97 0.05 25.11
N GLN B 160 14.29 -0.07 24.89
CA GLN B 160 15.30 0.36 25.87
C GLN B 160 15.62 1.80 25.43
N SER B 161 14.82 2.79 25.92
CA SER B 161 14.93 4.19 25.49
C SER B 161 16.26 4.88 25.83
N ASP B 162 17.03 4.27 26.74
CA ASP B 162 18.32 4.78 27.20
C ASP B 162 19.50 4.27 26.34
N HIS B 163 19.22 3.46 25.29
CA HIS B 163 20.30 2.98 24.42
C HIS B 163 20.96 4.18 23.75
N ARG B 164 22.33 4.21 23.71
CA ARG B 164 23.09 5.32 23.09
C ARG B 164 22.64 5.70 21.67
N GLU B 165 22.14 4.74 20.85
CA GLU B 165 21.68 5.07 19.50
C GLU B 165 20.51 6.06 19.47
N ILE B 166 19.64 5.97 20.47
CA ILE B 166 18.36 6.69 20.49
C ILE B 166 18.10 7.54 21.75
N GLU B 167 18.99 7.46 22.76
CA GLU B 167 18.81 8.18 24.02
C GLU B 167 18.52 9.65 23.76
N GLY B 168 17.44 10.14 24.36
CA GLY B 168 17.02 11.53 24.29
C GLY B 168 16.25 11.96 23.05
N ARG B 169 16.15 11.06 22.04
CA ARG B 169 15.44 11.34 20.79
C ARG B 169 14.14 10.53 20.69
N VAL B 170 13.99 9.48 21.51
CA VAL B 170 12.78 8.66 21.56
C VAL B 170 12.03 8.94 22.86
N MET B 171 10.76 9.27 22.74
CA MET B 171 9.89 9.51 23.89
C MET B 171 8.99 8.27 24.04
N VAL B 172 9.04 7.59 25.19
CA VAL B 172 8.18 6.43 25.47
C VAL B 172 6.84 7.02 25.91
N THR B 173 5.79 6.79 25.12
CA THR B 173 4.46 7.37 25.45
C THR B 173 3.82 6.72 26.68
N ASP B 174 4.32 5.53 27.08
CA ASP B 174 3.75 4.73 28.17
C ASP B 174 2.37 4.15 27.79
N PHE B 175 1.91 4.41 26.53
CA PHE B 175 0.72 3.72 26.05
C PHE B 175 1.14 2.24 25.98
N GLU B 176 0.30 1.35 26.52
CA GLU B 176 0.52 -0.08 26.48
C GLU B 176 -0.82 -0.81 26.42
N ASN B 177 -0.95 -1.74 25.46
CA ASN B 177 -2.12 -2.59 25.33
C ASN B 177 -1.61 -3.86 24.69
N VAL B 178 -1.29 -4.85 25.54
CA VAL B 178 -0.66 -6.10 25.12
C VAL B 178 -1.37 -7.31 25.73
N PRO B 179 -1.40 -8.46 25.00
CA PRO B 179 -1.97 -9.68 25.59
C PRO B 179 -0.96 -10.34 26.56
N GLU B 180 -1.46 -11.20 27.48
CA GLU B 180 -0.55 -11.88 28.43
C GLU B 180 0.37 -12.86 27.69
N GLU B 181 1.60 -13.05 28.19
CA GLU B 181 2.55 -13.99 27.60
C GLU B 181 2.08 -15.41 27.88
N ASP B 182 2.40 -16.36 26.98
CA ASP B 182 2.06 -17.78 27.13
C ASP B 182 3.27 -18.70 26.99
N ALA B 190 13.72 -8.65 30.42
CA ALA B 190 13.57 -7.27 29.93
C ALA B 190 14.35 -7.04 28.64
N SER B 191 15.56 -7.62 28.56
CA SER B 191 16.43 -7.56 27.38
C SER B 191 15.73 -8.25 26.19
N LYS B 192 15.09 -9.42 26.44
CA LYS B 192 14.36 -10.14 25.40
C LYS B 192 13.09 -9.36 25.03
N CYS B 193 12.35 -8.82 26.06
CA CYS B 193 11.11 -8.06 25.89
C CYS B 193 11.26 -6.88 24.91
N ASP B 194 12.37 -6.14 25.02
CA ASP B 194 12.63 -4.91 24.26
C ASP B 194 13.40 -5.09 22.95
N SER B 195 13.81 -6.33 22.61
CA SER B 195 14.68 -6.58 21.47
C SER B 195 14.21 -6.01 20.11
N HIS B 196 12.98 -6.33 19.73
CA HIS B 196 12.45 -5.95 18.40
C HIS B 196 12.33 -4.42 18.26
N GLY B 197 11.60 -3.79 19.17
CA GLY B 197 11.37 -2.36 19.15
C GLY B 197 12.64 -1.53 19.22
N THR B 198 13.56 -1.90 20.13
CA THR B 198 14.81 -1.12 20.26
C THR B 198 15.58 -1.17 18.94
N HIS B 199 15.66 -2.37 18.30
CA HIS B 199 16.37 -2.51 17.03
C HIS B 199 15.73 -1.60 15.97
N LEU B 200 14.39 -1.64 15.85
CA LEU B 200 13.68 -0.80 14.86
C LEU B 200 13.82 0.70 15.11
N ALA B 201 13.77 1.12 16.39
CA ALA B 201 13.99 2.54 16.73
C ALA B 201 15.40 2.93 16.24
N GLY B 202 16.36 2.03 16.41
CA GLY B 202 17.74 2.24 15.93
C GLY B 202 17.83 2.32 14.42
N VAL B 203 17.13 1.43 13.69
CA VAL B 203 17.16 1.48 12.22
C VAL B 203 16.58 2.83 11.72
N VAL B 204 15.50 3.30 12.32
CA VAL B 204 14.90 4.54 11.87
C VAL B 204 15.81 5.74 12.19
N SER B 205 16.19 5.86 13.47
CA SER B 205 16.80 7.08 14.01
C SER B 205 18.18 6.98 14.70
N GLY B 206 18.78 5.80 14.72
CA GLY B 206 20.05 5.56 15.41
C GLY B 206 21.17 6.51 15.05
N ARG B 207 21.85 7.06 16.06
CA ARG B 207 22.95 8.03 15.90
C ARG B 207 24.00 7.54 14.89
N ASP B 208 24.47 6.30 15.03
CA ASP B 208 25.51 5.72 14.18
C ASP B 208 24.97 4.85 13.04
N ALA B 209 23.91 4.07 13.29
CA ALA B 209 23.44 3.11 12.30
C ALA B 209 22.00 3.35 11.80
N GLY B 210 21.45 4.55 12.06
CA GLY B 210 20.12 4.90 11.60
C GLY B 210 20.03 5.41 10.18
N VAL B 211 18.81 5.37 9.60
CA VAL B 211 18.55 5.90 8.27
C VAL B 211 18.37 7.43 8.39
N ALA B 212 17.58 7.88 9.38
CA ALA B 212 17.31 9.30 9.64
C ALA B 212 17.94 9.60 10.96
N LYS B 213 19.29 9.72 10.96
CA LYS B 213 20.09 9.89 12.18
C LYS B 213 19.60 11.02 13.07
N GLY B 214 19.25 10.66 14.31
CA GLY B 214 18.75 11.60 15.30
C GLY B 214 17.30 12.05 15.15
N ALA B 215 16.49 11.43 14.23
CA ALA B 215 15.06 11.78 14.04
C ALA B 215 14.30 11.60 15.36
N SER B 216 13.29 12.45 15.63
CA SER B 216 12.45 12.35 16.83
C SER B 216 11.48 11.19 16.64
N MET B 217 11.35 10.37 17.68
CA MET B 217 10.41 9.23 17.65
C MET B 217 9.57 9.20 18.92
N ARG B 218 8.39 8.58 18.83
CA ARG B 218 7.51 8.34 19.98
C ARG B 218 7.12 6.88 19.92
N SER B 219 7.24 6.17 21.03
CA SER B 219 6.94 4.73 21.02
C SER B 219 5.72 4.35 21.82
N LEU B 220 4.90 3.43 21.26
CA LEU B 220 3.68 2.89 21.90
C LEU B 220 3.88 1.38 21.99
N ARG B 221 3.56 0.78 23.11
CA ARG B 221 3.72 -0.67 23.23
C ARG B 221 2.44 -1.40 22.86
N VAL B 222 2.45 -2.13 21.73
CA VAL B 222 1.29 -2.94 21.36
C VAL B 222 1.66 -4.44 21.22
N LEU B 223 2.94 -4.77 21.40
CA LEU B 223 3.37 -6.18 21.32
C LEU B 223 3.99 -6.56 22.64
N ASN B 224 3.65 -7.76 23.12
CA ASN B 224 4.18 -8.27 24.40
C ASN B 224 5.66 -8.75 24.27
N CYS B 225 6.20 -9.43 25.32
CA CYS B 225 7.59 -9.89 25.33
C CYS B 225 7.91 -10.93 24.26
N GLN B 226 6.89 -11.62 23.75
CA GLN B 226 7.03 -12.63 22.71
C GLN B 226 6.72 -12.05 21.30
N GLY B 227 6.52 -10.74 21.22
CA GLY B 227 6.19 -10.04 19.98
C GLY B 227 4.77 -10.22 19.51
N LYS B 228 3.86 -10.59 20.41
CA LYS B 228 2.45 -10.82 20.06
C LYS B 228 1.55 -9.69 20.57
N GLY B 229 0.62 -9.27 19.72
CA GLY B 229 -0.34 -8.21 20.07
C GLY B 229 -1.73 -8.60 19.61
N THR B 230 -2.67 -7.67 19.70
CA THR B 230 -4.04 -7.95 19.22
C THR B 230 -4.44 -6.87 18.24
N VAL B 231 -5.42 -7.18 17.38
CA VAL B 231 -5.96 -6.13 16.49
C VAL B 231 -6.56 -5.02 17.38
N SER B 232 -7.32 -5.39 18.44
CA SER B 232 -7.96 -4.35 19.30
C SER B 232 -6.92 -3.44 19.95
N GLY B 233 -5.82 -4.01 20.45
CA GLY B 233 -4.75 -3.23 21.04
C GLY B 233 -4.13 -2.28 20.02
N THR B 234 -3.94 -2.79 18.78
CA THR B 234 -3.38 -1.96 17.70
C THR B 234 -4.36 -0.79 17.39
N LEU B 235 -5.66 -1.09 17.29
CA LEU B 235 -6.68 -0.04 17.04
C LEU B 235 -6.63 1.03 18.15
N ILE B 236 -6.54 0.61 19.41
CA ILE B 236 -6.49 1.55 20.54
C ILE B 236 -5.22 2.43 20.42
N GLY B 237 -4.10 1.81 20.02
CA GLY B 237 -2.85 2.53 19.79
C GLY B 237 -2.93 3.57 18.69
N LEU B 238 -3.53 3.19 17.55
CA LEU B 238 -3.69 4.13 16.43
C LEU B 238 -4.60 5.28 16.87
N GLU B 239 -5.66 4.94 17.65
CA GLU B 239 -6.57 5.97 18.17
C GLU B 239 -5.82 6.92 19.11
N PHE B 240 -4.92 6.37 19.95
CA PHE B 240 -4.13 7.17 20.91
C PHE B 240 -3.28 8.21 20.14
N ILE B 241 -2.72 7.81 18.98
CA ILE B 241 -1.90 8.70 18.15
C ILE B 241 -2.76 9.88 17.66
N ARG B 242 -3.98 9.55 17.16
CA ARG B 242 -4.88 10.59 16.64
C ARG B 242 -5.28 11.54 17.78
N LYS B 243 -5.61 10.97 18.96
CA LYS B 243 -6.00 11.79 20.12
C LYS B 243 -4.88 12.72 20.54
N SER B 244 -3.62 12.23 20.52
CA SER B 244 -2.43 13.00 20.90
C SER B 244 -2.24 14.17 19.94
N GLN B 245 -2.44 13.90 18.64
CA GLN B 245 -2.32 14.93 17.60
C GLN B 245 -3.34 16.04 17.79
N LEU B 246 -4.60 15.70 18.12
CA LEU B 246 -5.65 16.71 18.33
C LEU B 246 -5.33 17.62 19.50
N VAL B 247 -4.76 17.04 20.56
CA VAL B 247 -4.40 17.73 21.79
C VAL B 247 -3.16 18.62 21.56
N GLN B 248 -2.12 18.08 20.93
CA GLN B 248 -0.87 18.82 20.73
C GLN B 248 -0.40 18.67 19.29
N PRO B 249 -1.04 19.38 18.35
CA PRO B 249 -0.61 19.25 16.95
C PRO B 249 0.84 19.68 16.73
N VAL B 250 1.57 18.89 15.95
CA VAL B 250 2.94 19.19 15.59
C VAL B 250 3.00 19.22 14.04
N GLY B 251 4.06 18.70 13.43
CA GLY B 251 4.16 18.70 11.97
C GLY B 251 3.76 17.36 11.38
N PRO B 252 4.33 17.02 10.20
CA PRO B 252 4.01 15.71 9.58
C PRO B 252 4.27 14.56 10.54
N LEU B 253 3.41 13.53 10.49
CA LEU B 253 3.60 12.34 11.31
C LEU B 253 3.76 11.11 10.42
N VAL B 254 4.76 10.25 10.73
CA VAL B 254 4.97 8.98 10.04
C VAL B 254 4.73 7.93 11.14
N VAL B 255 3.87 6.95 10.87
CA VAL B 255 3.55 5.88 11.82
C VAL B 255 4.11 4.59 11.24
N LEU B 256 5.00 3.95 12.00
CA LEU B 256 5.63 2.70 11.60
C LEU B 256 4.90 1.57 12.32
N LEU B 257 4.33 0.63 11.51
CA LEU B 257 3.59 -0.55 11.96
C LEU B 257 4.34 -1.81 11.52
N PRO B 258 5.35 -2.21 12.31
CA PRO B 258 6.19 -3.35 11.91
C PRO B 258 5.62 -4.65 12.41
N LEU B 259 4.32 -4.85 12.07
CA LEU B 259 3.59 -6.02 12.56
C LEU B 259 2.61 -6.45 11.49
N ALA B 260 2.08 -7.65 11.65
CA ALA B 260 1.07 -8.19 10.71
C ALA B 260 0.24 -9.25 11.41
N GLY B 261 -1.00 -9.34 10.98
CA GLY B 261 -1.97 -10.37 11.36
C GLY B 261 -2.72 -10.73 10.07
N GLY B 262 -3.75 -11.55 10.18
CA GLY B 262 -4.54 -11.89 9.00
C GLY B 262 -5.33 -10.66 8.51
N TYR B 263 -5.81 -10.70 7.26
CA TYR B 263 -6.64 -9.59 6.76
C TYR B 263 -7.72 -9.22 7.81
N SER B 264 -7.80 -7.94 8.13
CA SER B 264 -8.71 -7.41 9.14
C SER B 264 -9.43 -6.19 8.55
N ARG B 265 -10.75 -6.31 8.39
CA ARG B 265 -11.57 -5.21 7.90
C ARG B 265 -11.41 -3.98 8.83
N VAL B 266 -11.50 -4.19 10.15
CA VAL B 266 -11.45 -3.09 11.10
C VAL B 266 -10.04 -2.46 11.14
N LEU B 267 -8.96 -3.28 11.11
CA LEU B 267 -7.63 -2.67 11.13
C LEU B 267 -7.37 -1.87 9.85
N ASN B 268 -7.78 -2.40 8.68
CA ASN B 268 -7.62 -1.65 7.44
C ASN B 268 -8.44 -0.36 7.48
N ALA B 269 -9.66 -0.41 8.06
CA ALA B 269 -10.55 0.77 8.14
C ALA B 269 -9.89 1.86 9.03
N ALA B 270 -9.29 1.46 10.16
CA ALA B 270 -8.61 2.41 11.06
C ALA B 270 -7.42 3.05 10.34
N CYS B 271 -6.65 2.25 9.57
CA CYS B 271 -5.55 2.80 8.77
C CYS B 271 -6.06 3.83 7.73
N GLN B 272 -7.21 3.53 7.09
CA GLN B 272 -7.82 4.46 6.13
C GLN B 272 -8.17 5.79 6.83
N ARG B 273 -8.80 5.73 8.03
CA ARG B 273 -9.19 6.95 8.78
C ARG B 273 -7.96 7.77 9.17
N LEU B 274 -6.91 7.10 9.68
CA LEU B 274 -5.70 7.81 10.07
C LEU B 274 -4.98 8.43 8.86
N ALA B 275 -4.97 7.71 7.71
CA ALA B 275 -4.38 8.26 6.49
C ALA B 275 -5.23 9.44 5.99
N ARG B 276 -6.57 9.33 6.02
CA ARG B 276 -7.46 10.43 5.63
C ARG B 276 -7.30 11.65 6.54
N ALA B 277 -6.91 11.44 7.81
CA ALA B 277 -6.64 12.52 8.76
C ALA B 277 -5.32 13.25 8.41
N GLY B 278 -4.54 12.70 7.46
CA GLY B 278 -3.27 13.28 7.00
C GLY B 278 -2.01 12.66 7.59
N VAL B 279 -2.11 11.43 8.10
CA VAL B 279 -0.99 10.73 8.73
C VAL B 279 -0.39 9.70 7.76
N VAL B 280 0.95 9.59 7.69
CA VAL B 280 1.61 8.64 6.78
C VAL B 280 1.83 7.32 7.54
N LEU B 281 1.36 6.21 6.99
CA LEU B 281 1.52 4.90 7.64
C LEU B 281 2.44 4.01 6.80
N VAL B 282 3.44 3.42 7.47
CA VAL B 282 4.39 2.54 6.82
C VAL B 282 4.30 1.21 7.53
N THR B 283 4.06 0.14 6.76
CA THR B 283 3.91 -1.17 7.37
C THR B 283 4.81 -2.24 6.78
N ALA B 284 5.01 -3.31 7.55
CA ALA B 284 5.80 -4.46 7.09
C ALA B 284 4.89 -5.27 6.14
N ALA B 285 5.43 -5.81 5.05
CA ALA B 285 4.60 -6.64 4.16
C ALA B 285 4.21 -7.97 4.82
N GLY B 286 5.00 -8.41 5.81
CA GLY B 286 4.80 -9.69 6.49
C GLY B 286 5.88 -10.68 6.04
N ASN B 287 6.16 -11.66 6.90
CA ASN B 287 7.25 -12.64 6.71
C ASN B 287 6.72 -14.03 6.41
N PHE B 288 5.64 -14.13 5.64
CA PHE B 288 4.97 -15.43 5.41
C PHE B 288 5.18 -16.02 4.02
N ARG B 289 6.13 -15.47 3.24
CA ARG B 289 6.43 -15.88 1.85
C ARG B 289 5.10 -16.09 1.13
N ASP B 290 4.21 -15.09 1.24
CA ASP B 290 2.83 -15.19 0.75
C ASP B 290 2.41 -13.84 0.18
N ASP B 291 1.18 -13.77 -0.36
CA ASP B 291 0.62 -12.53 -0.94
C ASP B 291 0.27 -11.58 0.24
N ALA B 292 0.92 -10.40 0.29
CA ALA B 292 0.68 -9.40 1.33
C ALA B 292 -0.81 -8.94 1.38
N CYS B 293 -1.57 -9.13 0.28
CA CYS B 293 -2.99 -8.74 0.25
C CYS B 293 -3.81 -9.52 1.29
N LEU B 294 -3.31 -10.68 1.75
CA LEU B 294 -3.99 -11.53 2.72
C LEU B 294 -3.74 -11.17 4.18
N TYR B 295 -2.96 -10.09 4.42
CA TYR B 295 -2.55 -9.70 5.77
C TYR B 295 -2.87 -8.27 6.03
N SER B 296 -2.97 -7.93 7.31
CA SER B 296 -3.21 -6.55 7.70
C SER B 296 -2.20 -6.10 8.77
N PRO B 297 -1.82 -4.80 8.82
CA PRO B 297 -2.27 -3.70 7.94
C PRO B 297 -1.68 -3.66 6.52
N ALA B 298 -0.83 -4.67 6.12
CA ALA B 298 -0.17 -4.70 4.80
C ALA B 298 -1.12 -4.43 3.62
N SER B 299 -2.34 -4.97 3.72
CA SER B 299 -3.32 -4.91 2.64
C SER B 299 -4.14 -3.61 2.58
N ALA B 300 -4.00 -2.72 3.58
CA ALA B 300 -4.83 -1.49 3.60
C ALA B 300 -4.38 -0.55 2.45
N PRO B 301 -5.25 -0.21 1.47
CA PRO B 301 -4.78 0.60 0.32
C PRO B 301 -4.06 1.90 0.66
N GLU B 302 -4.41 2.50 1.77
CA GLU B 302 -3.88 3.83 2.13
C GLU B 302 -2.49 3.79 2.76
N VAL B 303 -1.99 2.63 3.14
CA VAL B 303 -0.65 2.58 3.76
C VAL B 303 0.45 2.39 2.70
N ILE B 304 1.71 2.45 3.17
CA ILE B 304 2.89 2.14 2.35
C ILE B 304 3.36 0.78 2.88
N THR B 305 3.33 -0.25 2.03
CA THR B 305 3.64 -1.64 2.42
C THR B 305 5.01 -2.04 1.88
N VAL B 306 5.88 -2.50 2.80
CA VAL B 306 7.28 -2.72 2.45
C VAL B 306 7.74 -4.18 2.58
N GLY B 307 8.26 -4.75 1.48
CA GLY B 307 8.82 -6.10 1.46
C GLY B 307 10.32 -6.02 1.77
N ALA B 308 10.96 -7.17 2.06
CA ALA B 308 12.36 -7.14 2.45
C ALA B 308 13.28 -7.77 1.39
N THR B 309 14.42 -7.11 1.09
CA THR B 309 15.48 -7.64 0.19
C THR B 309 16.82 -7.74 0.94
N ASN B 310 17.71 -8.63 0.48
CA ASN B 310 18.98 -8.85 1.16
C ASN B 310 20.14 -8.08 0.49
N ALA B 311 21.39 -8.39 0.89
CA ALA B 311 22.54 -7.66 0.37
C ALA B 311 22.79 -7.87 -1.13
N GLN B 312 22.20 -8.93 -1.70
CA GLN B 312 22.27 -9.24 -3.13
C GLN B 312 21.01 -8.73 -3.86
N ASP B 313 20.20 -7.87 -3.19
CA ASP B 313 18.94 -7.28 -3.69
C ASP B 313 17.87 -8.34 -3.98
N GLN B 314 18.04 -9.54 -3.41
CA GLN B 314 17.10 -10.63 -3.59
C GLN B 314 16.08 -10.67 -2.44
N PRO B 315 14.88 -11.23 -2.66
CA PRO B 315 13.88 -11.27 -1.57
C PRO B 315 14.38 -12.08 -0.39
N VAL B 316 14.17 -11.59 0.81
CA VAL B 316 14.70 -12.23 2.02
C VAL B 316 14.05 -13.57 2.35
N THR B 317 14.88 -14.62 2.57
CA THR B 317 14.45 -15.94 3.06
C THR B 317 14.55 -15.88 4.59
N LEU B 318 13.50 -16.33 5.29
CA LEU B 318 13.43 -16.34 6.77
C LEU B 318 12.97 -17.74 7.18
N GLY B 319 13.93 -18.61 7.50
CA GLY B 319 13.61 -20.00 7.81
C GLY B 319 13.07 -20.66 6.56
N THR B 320 11.87 -21.25 6.63
CA THR B 320 11.22 -21.85 5.46
C THR B 320 10.28 -20.83 4.79
N LEU B 321 10.18 -19.63 5.37
CA LEU B 321 9.33 -18.57 4.81
C LEU B 321 10.20 -17.41 4.32
N GLY B 322 9.72 -16.18 4.43
CA GLY B 322 10.47 -15.06 3.89
C GLY B 322 9.57 -13.89 3.62
N THR B 323 10.09 -12.87 2.93
CA THR B 323 9.24 -11.70 2.67
C THR B 323 7.96 -12.07 1.89
N ASN B 324 6.87 -11.35 2.19
CA ASN B 324 5.64 -11.37 1.42
C ASN B 324 5.86 -10.59 0.11
N PHE B 325 4.95 -10.75 -0.84
CA PHE B 325 5.10 -10.13 -2.17
C PHE B 325 3.68 -9.82 -2.69
N GLY B 326 3.57 -9.54 -3.99
CA GLY B 326 2.28 -9.29 -4.61
C GLY B 326 1.96 -7.83 -4.84
N ARG B 327 0.77 -7.60 -5.39
CA ARG B 327 0.31 -6.26 -5.82
C ARG B 327 0.03 -5.28 -4.67
N CYS B 328 -0.08 -5.77 -3.44
CA CYS B 328 -0.30 -4.89 -2.28
C CYS B 328 1.00 -4.31 -1.72
N VAL B 329 2.15 -4.83 -2.16
CA VAL B 329 3.44 -4.31 -1.72
C VAL B 329 3.77 -3.07 -2.56
N ASP B 330 4.24 -1.97 -1.94
CA ASP B 330 4.63 -0.75 -2.69
C ASP B 330 6.05 -0.86 -3.21
N LEU B 331 6.98 -1.38 -2.36
CA LEU B 331 8.39 -1.50 -2.75
C LEU B 331 9.07 -2.38 -1.73
N PHE B 332 10.31 -2.72 -1.99
CA PHE B 332 11.11 -3.51 -1.07
C PHE B 332 12.18 -2.58 -0.47
N ALA B 333 12.81 -3.00 0.63
CA ALA B 333 13.90 -2.24 1.21
C ALA B 333 14.78 -3.22 1.98
N PRO B 334 16.03 -2.83 2.31
CA PRO B 334 16.92 -3.75 3.03
C PRO B 334 16.27 -4.31 4.27
N GLY B 335 16.32 -5.64 4.40
CA GLY B 335 15.69 -6.34 5.50
C GLY B 335 16.35 -7.64 5.90
N GLU B 336 17.66 -7.77 5.60
CA GLU B 336 18.43 -8.93 6.08
C GLU B 336 19.73 -8.43 6.66
N ASP B 337 20.17 -9.00 7.80
CA ASP B 337 21.49 -8.68 8.37
C ASP B 337 21.61 -7.17 8.55
N ILE B 338 20.60 -6.60 9.23
CA ILE B 338 20.54 -5.15 9.45
C ILE B 338 21.08 -4.85 10.84
N ILE B 339 22.22 -4.13 10.89
CA ILE B 339 22.80 -3.82 12.20
C ILE B 339 21.99 -2.73 12.88
N GLY B 340 21.82 -2.85 14.17
CA GLY B 340 21.06 -1.86 14.91
C GLY B 340 21.19 -2.07 16.40
N ALA B 341 20.64 -1.10 17.15
CA ALA B 341 20.63 -1.12 18.61
C ALA B 341 20.13 -2.42 19.19
N SER B 342 20.97 -3.04 20.07
CA SER B 342 20.64 -4.25 20.80
C SER B 342 20.23 -3.83 22.22
N SER B 343 19.07 -4.32 22.69
CA SER B 343 18.62 -4.02 24.04
C SER B 343 19.46 -4.74 25.13
N ASP B 344 20.44 -5.58 24.73
CA ASP B 344 21.32 -6.28 25.69
C ASP B 344 22.09 -5.33 26.59
N CYS B 345 22.55 -4.20 26.05
CA CYS B 345 23.31 -3.17 26.78
C CYS B 345 23.20 -1.85 26.03
N SER B 346 23.41 -0.72 26.73
CA SER B 346 23.25 0.62 26.17
C SER B 346 24.14 0.93 24.95
N THR B 347 25.24 0.16 24.71
CA THR B 347 26.08 0.41 23.53
C THR B 347 26.22 -0.82 22.62
N CYS B 348 25.43 -1.89 22.89
CA CYS B 348 25.46 -3.13 22.12
C CYS B 348 24.72 -3.01 20.79
N PHE B 349 25.11 -3.84 19.81
CA PHE B 349 24.47 -3.87 18.49
C PHE B 349 24.21 -5.29 18.10
N VAL B 350 23.17 -5.49 17.29
CA VAL B 350 22.78 -6.82 16.82
C VAL B 350 22.25 -6.66 15.40
N SER B 351 22.45 -7.69 14.59
CA SER B 351 21.93 -7.67 13.22
C SER B 351 20.66 -8.51 13.22
N GLN B 352 19.56 -7.94 12.67
CA GLN B 352 18.29 -8.69 12.61
C GLN B 352 17.78 -8.63 11.15
N SER B 353 16.78 -9.48 10.86
CA SER B 353 16.20 -9.55 9.53
C SER B 353 14.67 -9.61 9.61
N GLY B 354 14.02 -9.09 8.59
CA GLY B 354 12.57 -9.14 8.53
C GLY B 354 11.95 -7.98 7.78
N THR B 355 10.67 -8.12 7.41
CA THR B 355 9.96 -6.99 6.78
C THR B 355 9.79 -5.80 7.79
N SER B 356 9.89 -6.06 9.12
CA SER B 356 9.84 -4.93 10.10
C SER B 356 11.08 -4.03 9.83
N GLN B 357 12.29 -4.65 9.67
CA GLN B 357 13.51 -3.86 9.39
C GLN B 357 13.41 -3.12 8.06
N ALA B 358 12.82 -3.76 7.04
CA ALA B 358 12.61 -3.15 5.73
C ALA B 358 11.69 -1.91 5.88
N ALA B 359 10.56 -2.09 6.57
CA ALA B 359 9.59 -1.01 6.79
C ALA B 359 10.24 0.13 7.54
N ALA B 360 11.12 -0.18 8.52
CA ALA B 360 11.83 0.87 9.27
C ALA B 360 12.73 1.72 8.33
N HIS B 361 13.34 1.10 7.31
CA HIS B 361 14.15 1.88 6.34
C HIS B 361 13.27 2.86 5.62
N VAL B 362 12.07 2.40 5.19
CA VAL B 362 11.16 3.30 4.44
C VAL B 362 10.61 4.39 5.38
N ALA B 363 10.38 4.08 6.67
CA ALA B 363 9.91 5.11 7.61
C ALA B 363 10.97 6.20 7.77
N GLY B 364 12.25 5.81 7.81
CA GLY B 364 13.35 6.79 7.91
C GLY B 364 13.49 7.61 6.64
N ILE B 365 13.35 6.97 5.47
CA ILE B 365 13.39 7.66 4.18
C ILE B 365 12.25 8.66 4.11
N ALA B 366 11.02 8.21 4.43
CA ALA B 366 9.82 9.09 4.41
C ALA B 366 10.00 10.29 5.35
N ALA B 367 10.55 10.06 6.57
CA ALA B 367 10.79 11.15 7.55
C ALA B 367 11.73 12.20 6.95
N MET B 368 12.79 11.74 6.25
CA MET B 368 13.74 12.64 5.61
C MET B 368 13.13 13.39 4.40
N MET B 369 12.29 12.70 3.60
CA MET B 369 11.62 13.34 2.47
C MET B 369 10.63 14.43 2.96
N LEU B 370 9.90 14.14 4.07
CA LEU B 370 8.92 15.07 4.64
C LEU B 370 9.59 16.22 5.34
N SER B 371 10.80 16.02 5.88
CA SER B 371 11.54 17.12 6.50
C SER B 371 11.94 18.16 5.42
N ALA B 372 12.39 17.67 4.25
CA ALA B 372 12.82 18.53 3.14
C ALA B 372 11.60 19.17 2.44
N GLU B 373 10.49 18.41 2.29
CA GLU B 373 9.28 18.88 1.63
C GLU B 373 8.05 18.64 2.56
N PRO B 374 7.89 19.45 3.62
CA PRO B 374 6.81 19.19 4.60
C PRO B 374 5.37 19.21 4.09
N GLU B 375 5.11 19.80 2.92
CA GLU B 375 3.75 19.88 2.39
C GLU B 375 3.37 18.65 1.58
N LEU B 376 4.28 17.66 1.41
CA LEU B 376 3.93 16.50 0.59
C LEU B 376 2.68 15.81 1.08
N THR B 377 1.80 15.45 0.14
CA THR B 377 0.62 14.66 0.50
C THR B 377 1.11 13.22 0.48
N LEU B 378 0.30 12.29 1.00
CA LEU B 378 0.65 10.88 0.99
C LEU B 378 0.87 10.39 -0.48
N ALA B 379 0.03 10.85 -1.44
CA ALA B 379 0.17 10.42 -2.84
C ALA B 379 1.49 10.91 -3.41
N GLU B 380 1.90 12.14 -3.06
CA GLU B 380 3.17 12.70 -3.54
C GLU B 380 4.36 11.94 -2.92
N LEU B 381 4.28 11.63 -1.63
CA LEU B 381 5.32 10.87 -0.95
C LEU B 381 5.45 9.46 -1.53
N ARG B 382 4.32 8.76 -1.72
CA ARG B 382 4.35 7.42 -2.28
C ARG B 382 4.98 7.42 -3.69
N GLN B 383 4.60 8.39 -4.53
CA GLN B 383 5.15 8.47 -5.89
C GLN B 383 6.66 8.72 -5.87
N ARG B 384 7.13 9.54 -4.93
CA ARG B 384 8.57 9.82 -4.76
C ARG B 384 9.35 8.57 -4.30
N LEU B 385 8.82 7.81 -3.33
CA LEU B 385 9.46 6.56 -2.90
C LEU B 385 9.64 5.59 -4.06
N ILE B 386 8.60 5.46 -4.90
CA ILE B 386 8.68 4.55 -6.05
C ILE B 386 9.68 5.12 -7.07
N HIS B 387 9.58 6.43 -7.34
CA HIS B 387 10.44 7.07 -8.34
C HIS B 387 11.92 6.97 -8.01
N PHE B 388 12.28 7.18 -6.73
CA PHE B 388 13.69 7.17 -6.33
C PHE B 388 14.25 5.78 -6.00
N SER B 389 13.41 4.73 -6.10
CA SER B 389 13.88 3.38 -5.86
C SER B 389 14.80 2.88 -6.97
N ALA B 390 15.68 1.90 -6.65
CA ALA B 390 16.47 1.19 -7.66
C ALA B 390 15.46 0.28 -8.38
N LYS B 391 15.59 0.18 -9.70
CA LYS B 391 14.64 -0.59 -10.53
C LYS B 391 15.23 -1.88 -11.05
N ASP B 392 14.38 -2.93 -11.17
CA ASP B 392 14.71 -4.22 -11.82
C ASP B 392 15.92 -4.95 -11.22
N VAL B 393 16.19 -4.77 -9.93
CA VAL B 393 17.35 -5.47 -9.33
C VAL B 393 16.96 -6.80 -8.71
N ILE B 394 15.65 -7.04 -8.51
CA ILE B 394 15.19 -8.30 -7.90
C ILE B 394 15.03 -9.37 -8.99
N ASN B 395 15.53 -10.62 -8.75
CA ASN B 395 15.30 -11.72 -9.70
C ASN B 395 13.89 -12.24 -9.37
N GLU B 396 12.94 -11.94 -10.26
CA GLU B 396 11.52 -12.29 -10.09
C GLU B 396 11.24 -13.81 -10.00
N ALA B 397 12.24 -14.65 -10.36
CA ALA B 397 12.11 -16.12 -10.27
C ALA B 397 11.83 -16.58 -8.82
N TRP B 398 12.28 -15.81 -7.83
CA TRP B 398 12.06 -16.11 -6.41
C TRP B 398 10.55 -16.12 -6.07
N PHE B 399 9.75 -15.26 -6.74
CA PHE B 399 8.33 -15.21 -6.44
C PHE B 399 7.58 -16.32 -7.14
N PRO B 400 6.41 -16.77 -6.60
CA PRO B 400 5.59 -17.73 -7.36
C PRO B 400 5.22 -17.14 -8.73
N GLU B 401 5.08 -18.00 -9.74
CA GLU B 401 4.84 -17.60 -11.13
C GLU B 401 3.83 -16.48 -11.33
N ASP B 402 2.62 -16.61 -10.79
CA ASP B 402 1.55 -15.64 -10.96
C ASP B 402 1.78 -14.34 -10.22
N GLN B 403 2.68 -14.32 -9.23
CA GLN B 403 2.96 -13.10 -8.47
C GLN B 403 4.06 -12.26 -9.11
N ARG B 404 4.72 -12.76 -10.15
CA ARG B 404 5.83 -12.04 -10.77
C ARG B 404 5.43 -10.74 -11.44
N VAL B 405 4.35 -10.74 -12.21
CA VAL B 405 3.92 -9.50 -12.88
C VAL B 405 3.32 -8.49 -11.87
N LEU B 406 2.77 -9.00 -10.77
CA LEU B 406 2.06 -8.20 -9.76
C LEU B 406 2.97 -7.48 -8.77
N THR B 407 4.17 -8.05 -8.53
CA THR B 407 5.10 -7.58 -7.49
C THR B 407 6.01 -6.49 -8.02
N PRO B 408 6.07 -5.32 -7.35
CA PRO B 408 6.94 -4.24 -7.84
C PRO B 408 8.43 -4.58 -7.68
N ASN B 409 9.20 -4.37 -8.75
CA ASN B 409 10.63 -4.68 -8.72
C ASN B 409 11.36 -3.38 -8.40
N LEU B 410 11.35 -3.03 -7.11
CA LEU B 410 11.84 -1.76 -6.61
C LEU B 410 12.53 -1.94 -5.27
N VAL B 411 13.70 -1.29 -5.07
CA VAL B 411 14.37 -1.34 -3.77
C VAL B 411 14.58 0.12 -3.34
N ALA B 412 13.99 0.50 -2.20
CA ALA B 412 13.98 1.87 -1.70
C ALA B 412 15.33 2.53 -1.67
N ALA B 413 15.34 3.87 -1.91
CA ALA B 413 16.56 4.67 -1.79
C ALA B 413 16.16 6.09 -1.48
N LEU B 414 17.09 6.83 -0.86
CA LEU B 414 16.91 8.23 -0.55
C LEU B 414 16.93 9.05 -1.85
N PRO B 415 16.25 10.20 -1.94
CA PRO B 415 16.34 10.99 -3.18
C PRO B 415 17.75 11.56 -3.39
N PRO B 416 18.25 11.71 -4.62
CA PRO B 416 19.60 12.29 -4.81
C PRO B 416 19.61 13.77 -4.48
N SER B 417 20.80 14.34 -4.20
CA SER B 417 20.93 15.78 -3.93
C SER B 417 20.51 16.65 -5.14
N THR B 418 20.36 16.02 -6.33
CA THR B 418 19.89 16.66 -7.58
C THR B 418 18.41 17.08 -7.47
N HIS B 419 17.61 16.34 -6.65
CA HIS B 419 16.18 16.55 -6.43
C HIS B 419 15.90 17.94 -5.87
N GLY B 420 15.07 18.69 -6.58
CA GLY B 420 14.72 20.07 -6.23
C GLY B 420 13.26 20.43 -6.35
N ALA B 421 12.98 21.75 -6.56
CA ALA B 421 11.65 22.35 -6.63
C ALA B 421 10.88 22.18 -7.97
N GLY B 422 11.60 22.10 -9.09
CA GLY B 422 11.00 21.97 -10.42
C GLY B 422 10.04 20.80 -10.59
N TRP B 423 8.82 21.06 -11.11
CA TRP B 423 7.78 20.05 -11.32
C TRP B 423 8.19 19.02 -12.37
N GLN B 424 7.92 17.72 -12.10
CA GLN B 424 8.21 16.62 -13.01
C GLN B 424 7.02 15.66 -12.95
N LEU B 425 6.80 14.91 -14.03
CA LEU B 425 5.68 13.97 -14.09
C LEU B 425 6.05 12.65 -13.42
N PHE B 426 5.35 12.33 -12.32
CA PHE B 426 5.51 11.05 -11.62
C PHE B 426 4.35 10.15 -11.99
N CYS B 427 4.64 8.90 -12.37
CA CYS B 427 3.58 7.90 -12.65
C CYS B 427 3.98 6.60 -11.98
N ARG B 428 2.96 5.78 -11.67
CA ARG B 428 3.16 4.42 -11.14
C ARG B 428 2.08 3.49 -11.66
N THR B 429 2.32 2.19 -11.54
CA THR B 429 1.39 1.17 -12.01
C THR B 429 0.60 0.57 -10.84
N VAL B 430 -0.72 0.43 -11.04
CA VAL B 430 -1.61 -0.16 -10.04
C VAL B 430 -2.31 -1.36 -10.71
N TRP B 431 -2.19 -2.55 -10.12
CA TRP B 431 -2.84 -3.76 -10.62
C TRP B 431 -4.12 -3.99 -9.81
N SER B 432 -5.20 -4.38 -10.51
CA SER B 432 -6.45 -4.71 -9.83
C SER B 432 -6.33 -6.09 -9.20
N ALA B 433 -7.36 -6.48 -8.43
CA ALA B 433 -7.56 -7.85 -8.01
C ALA B 433 -7.99 -8.58 -9.30
N HIS B 434 -7.69 -9.88 -9.42
CA HIS B 434 -8.06 -10.71 -10.58
C HIS B 434 -9.60 -10.75 -10.69
N SER B 435 -10.15 -10.81 -11.92
CA SER B 435 -11.61 -10.78 -12.13
C SER B 435 -12.34 -12.06 -11.73
N GLY B 436 -11.82 -13.20 -12.14
CA GLY B 436 -12.48 -14.48 -11.93
C GLY B 436 -12.97 -15.08 -13.24
N PRO B 437 -13.45 -16.36 -13.22
CA PRO B 437 -13.78 -17.07 -14.47
C PRO B 437 -15.00 -16.65 -15.31
N THR B 438 -15.97 -15.87 -14.80
CA THR B 438 -17.17 -15.49 -15.60
C THR B 438 -16.84 -14.80 -16.94
N ARG B 439 -17.65 -15.05 -17.98
CA ARG B 439 -17.50 -14.43 -19.31
C ARG B 439 -17.91 -12.95 -19.26
N MET B 440 -18.73 -12.59 -18.24
CA MET B 440 -19.19 -11.23 -17.99
C MET B 440 -18.41 -10.61 -16.80
N ALA B 441 -17.46 -11.38 -16.21
CA ALA B 441 -16.65 -10.93 -15.09
C ALA B 441 -15.71 -9.81 -15.53
N THR B 442 -15.56 -8.81 -14.66
CA THR B 442 -14.67 -7.68 -14.94
C THR B 442 -13.74 -7.47 -13.75
N ALA B 443 -12.60 -6.82 -14.01
CA ALA B 443 -11.62 -6.43 -12.99
C ALA B 443 -11.61 -4.92 -13.02
N ILE B 444 -11.49 -4.27 -11.86
CA ILE B 444 -11.47 -2.81 -11.82
C ILE B 444 -10.18 -2.31 -11.18
N ALA B 445 -9.49 -1.39 -11.85
CA ALA B 445 -8.32 -0.73 -11.26
C ALA B 445 -8.66 0.75 -11.19
N ARG B 446 -8.36 1.34 -10.04
CA ARG B 446 -8.61 2.73 -9.79
C ARG B 446 -7.37 3.26 -9.07
N CYS B 447 -7.04 4.55 -9.29
CA CYS B 447 -5.92 5.18 -8.65
C CYS B 447 -6.24 5.59 -7.24
N ALA B 448 -5.21 5.97 -6.47
CA ALA B 448 -5.44 6.40 -5.09
C ALA B 448 -5.92 7.86 -5.10
N PRO B 449 -6.45 8.36 -3.95
CA PRO B 449 -6.86 9.76 -3.90
C PRO B 449 -5.70 10.68 -4.27
N ASP B 450 -5.99 11.78 -4.96
CA ASP B 450 -4.98 12.75 -5.38
C ASP B 450 -4.18 12.31 -6.61
N GLU B 451 -4.50 11.14 -7.21
CA GLU B 451 -3.81 10.72 -8.43
C GLU B 451 -4.77 10.76 -9.61
N GLU B 452 -4.21 10.94 -10.80
CA GLU B 452 -4.96 10.95 -12.03
C GLU B 452 -4.70 9.66 -12.76
N LEU B 453 -5.75 9.01 -13.24
CA LEU B 453 -5.61 7.79 -14.03
C LEU B 453 -5.35 8.21 -15.49
N LEU B 454 -4.15 7.96 -16.03
CA LEU B 454 -3.83 8.42 -17.39
C LEU B 454 -3.97 7.36 -18.46
N SER B 455 -4.00 6.08 -18.07
CA SER B 455 -4.18 4.99 -19.03
C SER B 455 -4.65 3.74 -18.33
N CYS B 456 -5.02 2.76 -19.14
CA CYS B 456 -5.65 1.54 -18.69
C CYS B 456 -5.27 0.42 -19.65
N SER B 457 -4.77 -0.70 -19.10
CA SER B 457 -4.42 -1.87 -19.91
C SER B 457 -4.96 -3.10 -19.20
N SER B 458 -4.77 -4.28 -19.80
CA SER B 458 -5.30 -5.51 -19.21
C SER B 458 -4.41 -6.67 -19.55
N PHE B 459 -4.53 -7.74 -18.77
CA PHE B 459 -3.69 -8.92 -18.99
C PHE B 459 -4.43 -10.18 -18.52
N SER B 460 -4.26 -11.27 -19.27
CA SER B 460 -4.80 -12.61 -18.97
C SER B 460 -3.66 -13.59 -19.25
N ARG B 461 -3.48 -14.59 -18.38
CA ARG B 461 -2.41 -15.60 -18.55
C ARG B 461 -2.65 -16.51 -19.75
N SER B 462 -3.93 -16.75 -20.08
CA SER B 462 -4.31 -17.57 -21.24
C SER B 462 -4.48 -16.75 -22.52
N GLY B 463 -4.70 -15.44 -22.40
CA GLY B 463 -4.92 -14.55 -23.53
C GLY B 463 -6.36 -14.51 -24.00
N LYS B 464 -7.28 -15.07 -23.18
CA LYS B 464 -8.71 -15.13 -23.45
C LYS B 464 -9.33 -13.87 -22.84
N ARG B 465 -9.23 -12.78 -23.60
CA ARG B 465 -9.66 -11.46 -23.13
C ARG B 465 -10.51 -10.69 -24.13
N ARG B 466 -11.25 -9.70 -23.62
CA ARG B 466 -12.06 -8.80 -24.42
C ARG B 466 -11.58 -7.34 -24.29
N GLY B 467 -10.33 -7.16 -23.84
CA GLY B 467 -9.74 -5.84 -23.72
C GLY B 467 -10.18 -5.08 -22.50
N GLU B 468 -10.14 -3.74 -22.58
CA GLU B 468 -10.44 -2.92 -21.43
C GLU B 468 -10.99 -1.57 -21.80
N ARG B 469 -11.52 -0.86 -20.79
CA ARG B 469 -12.10 0.45 -21.02
C ARG B 469 -11.89 1.40 -19.87
N MET B 470 -11.69 2.66 -20.19
CA MET B 470 -11.62 3.70 -19.20
C MET B 470 -13.01 4.29 -19.08
N GLU B 471 -13.51 4.44 -17.86
CA GLU B 471 -14.84 4.99 -17.66
C GLU B 471 -14.86 6.01 -16.56
N ALA B 472 -15.46 7.17 -16.87
CA ALA B 472 -15.50 8.33 -15.99
C ALA B 472 -16.81 8.54 -15.23
N GLN B 473 -17.89 7.81 -15.56
CA GLN B 473 -19.20 7.97 -14.88
C GLN B 473 -19.08 7.87 -13.35
N GLY B 474 -19.73 8.81 -12.65
CA GLY B 474 -19.74 8.87 -11.19
C GLY B 474 -18.68 9.77 -10.57
N GLY B 475 -18.01 10.58 -11.40
CA GLY B 475 -16.95 11.50 -10.94
C GLY B 475 -15.57 10.88 -10.88
N LYS B 476 -15.53 9.55 -10.72
CA LYS B 476 -14.31 8.75 -10.65
C LYS B 476 -13.96 8.18 -12.02
N LEU B 477 -12.64 8.07 -12.32
CA LEU B 477 -12.11 7.46 -13.54
C LEU B 477 -11.60 6.08 -13.15
N VAL B 478 -12.05 5.04 -13.85
CA VAL B 478 -11.61 3.67 -13.54
C VAL B 478 -11.20 2.97 -14.81
N CYS B 479 -10.44 1.92 -14.62
CA CYS B 479 -9.95 1.06 -15.67
C CYS B 479 -10.70 -0.28 -15.49
N ARG B 480 -11.52 -0.67 -16.47
CA ARG B 480 -12.32 -1.89 -16.39
C ARG B 480 -11.88 -2.91 -17.45
N ALA B 481 -11.44 -4.10 -17.02
CA ALA B 481 -10.97 -5.13 -17.95
C ALA B 481 -12.03 -6.16 -18.11
N HIS B 482 -12.16 -6.67 -19.34
CA HIS B 482 -13.17 -7.65 -19.71
C HIS B 482 -12.59 -9.02 -20.01
N ASN B 483 -13.19 -10.03 -19.38
CA ASN B 483 -12.83 -11.42 -19.59
C ASN B 483 -13.65 -11.97 -20.77
N ALA B 484 -13.08 -12.92 -21.52
CA ALA B 484 -13.76 -13.54 -22.67
C ALA B 484 -14.32 -14.91 -22.26
N PHE B 485 -15.24 -15.46 -23.08
CA PHE B 485 -15.82 -16.78 -22.83
C PHE B 485 -14.72 -17.85 -22.78
N GLY B 486 -14.72 -18.63 -21.72
CA GLY B 486 -13.74 -19.68 -21.49
C GLY B 486 -12.51 -19.26 -20.73
N GLY B 487 -12.31 -17.94 -20.59
CA GLY B 487 -11.17 -17.36 -19.89
C GLY B 487 -11.28 -17.49 -18.38
N GLU B 488 -10.14 -17.78 -17.72
CA GLU B 488 -10.02 -17.96 -16.26
C GLU B 488 -10.11 -16.65 -15.46
N GLY B 489 -10.01 -15.53 -16.16
CA GLY B 489 -10.05 -14.20 -15.58
C GLY B 489 -9.01 -13.26 -16.18
N VAL B 490 -9.08 -11.99 -15.77
CA VAL B 490 -8.20 -10.93 -16.26
C VAL B 490 -7.84 -9.96 -15.14
N TYR B 491 -6.78 -9.16 -15.38
CA TYR B 491 -6.41 -8.07 -14.48
C TYR B 491 -6.63 -6.78 -15.27
N ALA B 492 -7.02 -5.70 -14.58
CA ALA B 492 -7.06 -4.33 -15.11
C ALA B 492 -5.81 -3.66 -14.52
N ILE B 493 -5.08 -2.89 -15.35
CA ILE B 493 -3.83 -2.26 -14.92
C ILE B 493 -3.92 -0.78 -15.20
N ALA B 494 -3.86 0.02 -14.14
CA ALA B 494 -3.94 1.47 -14.27
C ALA B 494 -2.57 2.11 -14.20
N ARG B 495 -2.42 3.22 -14.91
CA ARG B 495 -1.26 4.07 -14.79
C ARG B 495 -1.76 5.30 -14.06
N CYS B 496 -1.20 5.53 -12.85
CA CYS B 496 -1.62 6.56 -11.92
C CYS B 496 -0.55 7.59 -11.76
N CYS B 497 -0.91 8.85 -12.00
CA CYS B 497 0.08 9.91 -12.06
C CYS B 497 -0.31 11.12 -11.25
N LEU B 498 0.66 12.01 -11.00
CA LEU B 498 0.41 13.28 -10.32
C LEU B 498 0.41 14.38 -11.38
N LEU B 499 -0.76 14.84 -11.72
CA LEU B 499 -0.95 15.84 -12.77
C LEU B 499 -2.12 16.73 -12.32
N PRO B 500 -1.84 17.70 -11.44
CA PRO B 500 -2.95 18.50 -10.88
C PRO B 500 -3.69 19.36 -11.89
N GLN B 501 -5.01 19.55 -11.68
CA GLN B 501 -5.92 20.35 -12.52
C GLN B 501 -5.86 19.96 -14.01
N ALA B 502 -5.65 18.67 -14.27
CA ALA B 502 -5.51 18.13 -15.62
C ALA B 502 -6.85 18.01 -16.33
N ASN B 503 -7.95 17.81 -15.55
CA ASN B 503 -9.33 17.66 -16.06
C ASN B 503 -9.34 16.58 -17.16
N CYS B 504 -8.78 15.38 -16.84
CA CYS B 504 -8.67 14.26 -17.79
C CYS B 504 -10.03 13.71 -18.15
N SER B 505 -10.30 13.69 -19.44
CA SER B 505 -11.55 13.22 -19.99
C SER B 505 -11.34 11.96 -20.80
N VAL B 506 -12.44 11.23 -21.03
CA VAL B 506 -12.38 10.04 -21.86
C VAL B 506 -13.18 10.34 -23.12
N HIS B 507 -12.59 10.01 -24.28
CA HIS B 507 -13.27 10.10 -25.58
C HIS B 507 -13.50 8.67 -26.05
N THR B 508 -14.78 8.25 -26.23
CA THR B 508 -15.08 6.88 -26.59
C THR B 508 -15.79 6.82 -27.94
N ALA B 509 -15.47 5.80 -28.74
CA ALA B 509 -16.17 5.57 -30.00
C ALA B 509 -16.40 4.10 -30.21
N PRO B 510 -17.68 3.67 -30.35
CA PRO B 510 -17.94 2.25 -30.63
C PRO B 510 -17.53 1.91 -32.08
N PRO B 511 -17.48 0.62 -32.47
CA PRO B 511 -17.10 0.28 -33.86
C PRO B 511 -18.03 0.85 -34.93
N ALA B 512 -17.48 1.22 -36.11
CA ALA B 512 -18.26 1.75 -37.23
C ALA B 512 -18.64 0.62 -38.21
N THR B 518 -11.63 1.45 -35.93
CA THR B 518 -12.26 2.35 -34.96
C THR B 518 -11.25 3.40 -34.49
N ARG B 519 -11.60 4.69 -34.64
CA ARG B 519 -10.73 5.82 -34.30
C ARG B 519 -11.42 6.92 -33.46
N VAL B 520 -10.60 7.64 -32.66
CA VAL B 520 -10.97 8.75 -31.77
C VAL B 520 -9.71 9.59 -31.43
N HIS B 521 -9.85 10.92 -31.27
CA HIS B 521 -8.68 11.76 -30.98
C HIS B 521 -8.98 12.92 -30.00
N CYS B 522 -7.90 13.48 -29.39
CA CYS B 522 -7.96 14.60 -28.43
C CYS B 522 -7.92 15.93 -29.20
N HIS B 523 -9.12 16.47 -29.54
CA HIS B 523 -9.30 17.68 -30.36
C HIS B 523 -8.85 18.99 -29.71
N GLN B 524 -9.21 19.24 -28.44
CA GLN B 524 -8.88 20.47 -27.71
C GLN B 524 -7.38 20.82 -27.69
N GLN B 525 -7.05 22.11 -27.86
CA GLN B 525 -5.67 22.61 -27.84
C GLN B 525 -5.19 22.72 -26.38
N GLY B 526 -3.95 22.29 -26.15
CA GLY B 526 -3.38 22.24 -24.81
C GLY B 526 -3.61 20.88 -24.16
N HIS B 527 -4.38 20.02 -24.86
CA HIS B 527 -4.70 18.64 -24.46
C HIS B 527 -3.71 17.67 -25.07
N VAL B 528 -3.37 16.60 -24.32
CA VAL B 528 -2.45 15.56 -24.80
C VAL B 528 -3.12 14.20 -24.64
N LEU B 529 -2.84 13.27 -25.56
CA LEU B 529 -3.35 11.90 -25.47
C LEU B 529 -2.37 11.18 -24.53
N THR B 530 -2.89 10.62 -23.43
CA THR B 530 -2.02 9.92 -22.46
C THR B 530 -2.17 8.42 -22.46
N GLY B 531 -3.29 7.93 -22.99
CA GLY B 531 -3.58 6.51 -23.01
C GLY B 531 -4.65 6.12 -23.99
N CYS B 532 -4.50 4.94 -24.56
CA CYS B 532 -5.44 4.31 -25.49
C CYS B 532 -5.88 3.02 -24.90
N SER B 533 -7.19 2.78 -24.85
CA SER B 533 -7.75 1.50 -24.41
C SER B 533 -8.71 1.02 -25.49
N SER B 534 -8.96 -0.30 -25.52
CA SER B 534 -9.89 -0.86 -26.51
C SER B 534 -10.53 -2.09 -25.93
N HIS B 535 -11.86 -2.26 -26.14
CA HIS B 535 -12.60 -3.43 -25.68
C HIS B 535 -13.54 -3.89 -26.77
N TRP B 536 -13.87 -5.16 -26.78
CA TRP B 536 -14.76 -5.72 -27.81
C TRP B 536 -15.79 -6.67 -27.21
N GLU B 537 -16.98 -6.76 -27.84
CA GLU B 537 -18.07 -7.61 -27.34
C GLU B 537 -18.06 -9.02 -27.95
N VAL B 538 -17.42 -9.20 -29.11
CA VAL B 538 -17.35 -10.49 -29.80
C VAL B 538 -16.38 -11.44 -29.06
N GLU B 539 -16.79 -12.70 -28.86
CA GLU B 539 -16.02 -13.73 -28.17
C GLU B 539 -14.76 -14.12 -28.94
N ASP B 540 -14.85 -14.13 -30.29
CA ASP B 540 -13.73 -14.47 -31.17
C ASP B 540 -13.55 -13.45 -32.29
N GLN B 554 -1.05 8.89 -35.94
CA GLN B 554 -1.57 10.25 -36.03
C GLN B 554 -1.49 10.96 -34.65
N PRO B 555 -1.07 12.26 -34.59
CA PRO B 555 -0.96 12.93 -33.28
C PRO B 555 -2.26 12.98 -32.47
N ASN B 556 -2.16 12.51 -31.21
CA ASN B 556 -3.23 12.43 -30.22
C ASN B 556 -4.43 11.54 -30.66
N GLN B 557 -4.16 10.45 -31.42
CA GLN B 557 -5.19 9.53 -31.91
C GLN B 557 -4.99 8.04 -31.51
N CYS B 558 -6.11 7.34 -31.17
CA CYS B 558 -6.13 5.91 -30.86
C CYS B 558 -6.77 5.17 -32.00
N VAL B 559 -6.23 4.00 -32.33
CA VAL B 559 -6.77 3.12 -33.36
C VAL B 559 -6.89 1.72 -32.76
N GLY B 560 -8.05 1.12 -32.93
CA GLY B 560 -8.33 -0.23 -32.45
C GLY B 560 -8.84 -1.07 -33.59
N HIS B 561 -9.18 -2.34 -33.28
CA HIS B 561 -9.75 -3.27 -34.26
C HIS B 561 -11.10 -2.72 -34.71
N ARG B 562 -11.48 -3.01 -35.98
CA ARG B 562 -12.74 -2.58 -36.59
C ARG B 562 -13.97 -2.99 -35.79
N GLU B 563 -13.88 -4.13 -35.06
CA GLU B 563 -14.95 -4.70 -34.23
C GLU B 563 -14.90 -4.26 -32.75
N ALA B 564 -13.95 -3.39 -32.41
CA ALA B 564 -13.75 -2.96 -31.03
C ALA B 564 -14.09 -1.49 -30.79
N SER B 565 -14.51 -1.17 -29.53
CA SER B 565 -14.72 0.21 -29.11
C SER B 565 -13.34 0.74 -28.71
N ILE B 566 -13.09 2.02 -28.95
CA ILE B 566 -11.83 2.68 -28.66
C ILE B 566 -12.05 3.77 -27.59
N HIS B 567 -11.10 3.87 -26.65
CA HIS B 567 -11.22 4.86 -25.58
C HIS B 567 -9.88 5.57 -25.44
N ALA B 568 -9.91 6.91 -25.52
CA ALA B 568 -8.71 7.75 -25.41
C ALA B 568 -8.78 8.55 -24.12
N SER B 569 -7.65 8.69 -23.42
CA SER B 569 -7.61 9.56 -22.24
C SER B 569 -6.94 10.84 -22.74
N CYS B 570 -7.64 11.97 -22.59
CA CYS B 570 -7.21 13.29 -23.04
C CYS B 570 -7.10 14.16 -21.82
N CYS B 571 -5.90 14.73 -21.59
CA CYS B 571 -5.66 15.57 -20.43
C CYS B 571 -5.26 16.98 -20.83
N HIS B 572 -5.72 17.99 -20.07
CA HIS B 572 -5.32 19.38 -20.35
C HIS B 572 -3.98 19.59 -19.66
N ALA B 573 -2.91 19.59 -20.45
CA ALA B 573 -1.56 19.70 -19.88
C ALA B 573 -0.64 20.48 -20.82
N PRO B 574 -0.75 21.83 -20.84
CA PRO B 574 0.11 22.64 -21.73
C PRO B 574 1.60 22.50 -21.41
N GLY B 575 1.90 22.25 -20.13
CA GLY B 575 3.25 22.09 -19.61
C GLY B 575 3.85 20.73 -19.89
N LEU B 576 3.13 19.85 -20.60
CA LEU B 576 3.58 18.51 -20.95
C LEU B 576 3.83 18.40 -22.45
N GLU B 577 4.87 17.64 -22.83
CA GLU B 577 5.17 17.25 -24.20
C GLU B 577 5.07 15.70 -24.21
N CYS B 578 4.37 15.13 -25.20
CA CYS B 578 4.23 13.67 -25.30
C CYS B 578 4.62 13.18 -26.68
N LYS B 579 5.19 11.98 -26.74
CA LYS B 579 5.54 11.28 -27.97
C LYS B 579 5.12 9.83 -27.83
N VAL B 580 4.89 9.17 -28.96
CA VAL B 580 4.54 7.76 -29.00
C VAL B 580 5.74 6.99 -29.58
N LYS B 581 6.18 5.92 -28.90
CA LYS B 581 7.31 5.10 -29.32
C LYS B 581 6.81 3.67 -29.49
N GLU B 582 7.13 3.05 -30.64
CA GLU B 582 6.69 1.70 -31.00
C GLU B 582 7.85 0.77 -31.26
N HIS B 583 7.66 -0.51 -30.99
CA HIS B 583 8.63 -1.56 -31.25
C HIS B 583 7.91 -2.85 -31.57
N GLY B 584 8.17 -3.39 -32.77
CA GLY B 584 7.58 -4.61 -33.27
C GLY B 584 8.61 -5.69 -33.59
N ILE B 585 8.23 -6.96 -33.34
CA ILE B 585 9.06 -8.14 -33.60
C ILE B 585 8.24 -9.22 -34.35
N PRO B 586 8.81 -9.89 -35.39
CA PRO B 586 8.02 -10.90 -36.12
C PRO B 586 8.18 -12.31 -35.55
N GLU B 590 7.49 -14.60 -26.58
CA GLU B 590 7.11 -14.48 -25.18
C GLU B 590 6.67 -13.05 -24.85
N GLN B 591 7.52 -12.05 -25.14
CA GLN B 591 7.20 -10.65 -24.87
C GLN B 591 7.94 -9.68 -25.78
N VAL B 592 7.31 -8.53 -26.01
CA VAL B 592 7.88 -7.43 -26.78
C VAL B 592 7.81 -6.22 -25.89
N THR B 593 8.87 -5.43 -25.89
CA THR B 593 9.10 -4.35 -24.97
C THR B 593 9.50 -3.06 -25.71
N VAL B 594 9.08 -1.91 -25.18
CA VAL B 594 9.46 -0.59 -25.67
C VAL B 594 9.56 0.36 -24.48
N ALA B 595 10.67 1.06 -24.34
CA ALA B 595 10.87 1.93 -23.18
C ALA B 595 11.00 3.38 -23.55
N CYS B 596 10.44 4.26 -22.71
CA CYS B 596 10.58 5.71 -22.87
C CYS B 596 12.05 6.08 -22.69
N GLU B 597 12.46 7.17 -23.34
CA GLU B 597 13.83 7.66 -23.19
C GLU B 597 14.06 8.18 -21.77
N GLU B 598 15.33 8.21 -21.30
CA GLU B 598 15.63 8.72 -19.97
C GLU B 598 15.08 10.12 -19.79
N GLY B 599 14.43 10.34 -18.65
CA GLY B 599 13.84 11.62 -18.30
C GLY B 599 12.38 11.76 -18.74
N TRP B 600 11.86 10.79 -19.51
CA TRP B 600 10.46 10.78 -19.95
C TRP B 600 9.70 9.79 -19.09
N THR B 601 8.41 10.05 -18.85
CA THR B 601 7.59 9.16 -18.04
C THR B 601 6.58 8.45 -18.93
N LEU B 602 6.49 7.13 -18.77
CA LEU B 602 5.52 6.32 -19.50
C LEU B 602 4.14 6.59 -18.90
N THR B 603 3.19 7.04 -19.76
CA THR B 603 1.81 7.30 -19.32
C THR B 603 0.88 6.21 -19.75
N GLY B 604 1.15 5.58 -20.90
CA GLY B 604 0.31 4.54 -21.45
C GLY B 604 1.10 3.47 -22.17
N CYS B 605 0.58 2.26 -22.10
CA CYS B 605 1.19 1.09 -22.70
C CYS B 605 0.11 0.25 -23.33
N SER B 606 0.29 -0.10 -24.61
CA SER B 606 -0.70 -0.94 -25.33
C SER B 606 -0.05 -1.77 -26.44
N ALA B 607 -0.82 -2.70 -26.97
CA ALA B 607 -0.38 -3.55 -28.07
C ALA B 607 -1.12 -3.05 -29.31
N LEU B 608 -0.43 -2.98 -30.44
CA LEU B 608 -1.01 -2.51 -31.70
C LEU B 608 -2.07 -3.52 -32.16
N PRO B 609 -3.27 -3.06 -32.62
CA PRO B 609 -4.30 -4.04 -33.05
C PRO B 609 -3.94 -4.74 -34.36
N SER B 612 -2.42 -12.82 -34.33
CA SER B 612 -1.71 -11.94 -33.39
C SER B 612 -1.65 -12.57 -31.99
N HIS B 613 -2.83 -12.82 -31.38
CA HIS B 613 -3.10 -13.41 -30.06
C HIS B 613 -2.16 -12.88 -28.94
N VAL B 614 -2.47 -11.68 -28.43
CA VAL B 614 -1.71 -11.11 -27.34
C VAL B 614 -2.41 -11.45 -26.01
N LEU B 615 -1.59 -11.69 -24.99
CA LEU B 615 -2.02 -12.00 -23.63
C LEU B 615 -2.41 -10.71 -22.92
N GLY B 616 -1.73 -9.64 -23.25
CA GLY B 616 -2.02 -8.33 -22.68
C GLY B 616 -0.83 -7.41 -22.69
N ALA B 617 -0.95 -6.30 -21.98
CA ALA B 617 0.08 -5.30 -21.91
C ALA B 617 0.05 -4.66 -20.54
N TYR B 618 1.22 -4.20 -20.09
CA TYR B 618 1.34 -3.52 -18.80
C TYR B 618 2.66 -2.75 -18.75
N ALA B 619 2.65 -1.62 -18.05
CA ALA B 619 3.84 -0.82 -17.84
C ALA B 619 4.64 -1.44 -16.69
N VAL B 620 5.97 -1.45 -16.82
CA VAL B 620 6.91 -1.87 -15.78
C VAL B 620 7.86 -0.67 -15.70
N ASP B 621 7.65 0.20 -14.69
CA ASP B 621 8.38 1.46 -14.54
C ASP B 621 8.14 2.31 -15.81
N ASN B 622 9.19 2.59 -16.65
CA ASN B 622 8.97 3.38 -17.87
C ASN B 622 9.07 2.53 -19.13
N THR B 623 8.81 1.22 -18.97
CA THR B 623 8.83 0.24 -20.07
C THR B 623 7.46 -0.35 -20.33
N CYS B 624 7.02 -0.32 -21.60
CA CYS B 624 5.75 -0.93 -22.00
C CYS B 624 6.03 -2.39 -22.37
N VAL B 625 5.34 -3.33 -21.72
CA VAL B 625 5.52 -4.77 -21.97
C VAL B 625 4.27 -5.33 -22.58
N VAL B 626 4.42 -6.03 -23.72
CA VAL B 626 3.33 -6.73 -24.36
C VAL B 626 3.68 -8.20 -24.31
N ARG B 627 2.74 -9.01 -23.82
CA ARG B 627 2.91 -10.45 -23.71
C ARG B 627 2.14 -11.16 -24.82
N SER B 628 2.76 -12.13 -25.49
CA SER B 628 2.10 -12.89 -26.57
C SER B 628 2.27 -14.40 -26.35
N ARG B 629 1.40 -15.22 -27.00
CA ARG B 629 1.45 -16.68 -26.92
C ARG B 629 2.16 -17.30 -28.11
N ALA B 641 3.42 -9.39 -36.99
CA ALA B 641 4.35 -8.95 -35.95
C ALA B 641 3.61 -8.36 -34.74
N VAL B 642 4.14 -8.66 -33.54
CA VAL B 642 3.60 -8.17 -32.26
C VAL B 642 4.29 -6.83 -31.94
N THR B 643 3.49 -5.76 -31.74
CA THR B 643 4.01 -4.42 -31.50
C THR B 643 3.59 -3.85 -30.13
N ALA B 644 4.58 -3.32 -29.37
CA ALA B 644 4.42 -2.65 -28.09
C ALA B 644 4.39 -1.15 -28.39
N VAL B 645 3.43 -0.41 -27.78
CA VAL B 645 3.25 1.01 -28.04
C VAL B 645 3.25 1.78 -26.74
N ALA B 646 4.26 2.60 -26.55
CA ALA B 646 4.40 3.42 -25.35
C ALA B 646 4.05 4.89 -25.63
N ILE B 647 3.27 5.51 -24.72
CA ILE B 647 3.01 6.96 -24.76
C ILE B 647 3.92 7.49 -23.65
N CYS B 648 4.84 8.37 -24.02
CA CYS B 648 5.87 8.94 -23.15
C CYS B 648 5.67 10.45 -23.03
N CYS B 649 5.64 10.99 -21.82
CA CYS B 649 5.49 12.42 -21.58
C CYS B 649 6.56 12.97 -20.66
N ARG B 650 6.82 14.28 -20.78
CA ARG B 650 7.72 14.96 -19.86
C ARG B 650 7.32 16.43 -19.70
N SER B 651 7.73 17.03 -18.58
CA SER B 651 7.51 18.45 -18.33
C SER B 651 8.32 19.23 -19.38
N ARG B 652 7.70 20.25 -20.01
CA ARG B 652 8.34 21.09 -21.05
C ARG B 652 9.45 21.94 -20.46
N1 063 C . 0.08 -0.69 -0.95
N2 063 C . -3.00 2.01 -2.85
O3 063 C . -1.51 1.51 -4.53
N4 063 C . -5.20 2.87 -3.14
S5 063 C . -4.14 2.05 -5.35
O6 063 C . -4.21 -2.14 -5.00
O7 063 C . -5.40 -3.46 -2.93
F8 063 C . -7.54 -1.12 -8.12
O9 063 C . -7.81 -4.82 -3.37
O10 063 C . -14.04 0.83 -7.47
O11 063 C . -13.74 2.47 -5.96
O12 063 C . -11.52 -6.24 -5.32
N13 063 C . -13.36 -11.78 -4.07
N14 063 C . -11.85 -13.58 -4.16
N15 063 C . -13.66 -13.81 -2.80
N16 063 C . -10.70 -7.64 -2.14
C17 063 C . -0.76 -0.82 0.27
C18 063 C . -0.62 -0.43 -2.25
C19 063 C . -1.90 -1.25 -2.36
C20 063 C . -2.44 -1.93 -1.26
C21 063 C . -1.81 -1.90 0.12
C22 063 C . -2.51 -1.35 -3.59
C23 063 C . -3.67 -2.07 -3.72
C24 063 C . -4.22 -2.74 -2.64
C25 063 C . -3.60 -2.68 -1.41
C26 063 C . -0.90 1.09 -2.25
C27 063 C . 0.38 -0.82 -3.34
C28 063 C . -1.81 1.57 -3.36
C29 063 C . -4.10 2.33 -3.64
C30 063 C . -6.14 3.03 -4.12
C31 063 C . -5.74 2.64 -5.38
C32 063 C . -5.46 -1.54 -5.22
C33 063 C . -6.18 -0.85 -4.26
C34 063 C . -7.42 -0.32 -4.56
C35 063 C . -7.94 -0.41 -5.85
C36 063 C . -7.15 -1.03 -6.82
C37 063 C . -5.94 -1.63 -6.52
C38 063 C . -9.30 0.08 -6.09
C39 063 C . -6.06 -4.07 -1.84
C40 063 C . -7.54 -4.07 -2.18
C41 063 C . -8.60 -4.04 -4.28
C42 063 C . -10.18 -0.57 -6.95
C43 063 C . -11.48 -0.11 -7.13
C44 063 C . -11.94 1.00 -6.43
C45 063 C . -11.08 1.64 -5.56
C46 063 C . -9.78 1.19 -5.38
C47 063 C . -13.35 1.47 -6.63
C48 063 C . -10.10 -4.13 -4.04
N49 063 C . -10.56 -5.36 -3.41
C50 063 C . -11.17 -6.37 -4.15
C51 063 C . -11.34 -7.69 -3.44
C52 063 C . -12.80 -8.10 -3.34
C53 063 C . -12.99 -9.38 -4.14
C54 063 C . -13.13 -10.60 -3.26
C55 063 C . -13.02 -13.04 -3.63
O56 063 C . -15.84 -13.34 -3.17
C57 063 C . -17.06 -12.60 -2.94
C58 063 C . -17.86 -13.13 -1.77
C59 063 C . -16.83 -11.11 -2.81
C60 063 C . -17.90 -12.80 -4.17
C61 063 C . -14.83 -13.35 -2.24
O62 063 C . -14.93 -13.07 -1.05
O63 063 C . -10.40 -15.29 -4.52
C64 063 C . -9.76 -15.63 -5.77
C65 063 C . -10.01 -17.08 -6.12
C66 063 C . -8.28 -15.46 -5.53
C67 063 C . -10.15 -14.73 -6.92
C68 063 C . -11.72 -14.90 -4.54
O69 063 C . -12.63 -15.67 -4.81
O70 063 C . -9.14 -8.31 -0.68
C71 063 C . -7.79 -8.63 -0.25
C72 063 C . -6.90 -7.39 -0.27
C73 063 C . -7.16 -9.81 -0.95
C74 063 C . -7.91 -9.09 1.18
C75 063 C . -9.39 -8.04 -2.01
O76 063 C . -8.61 -8.14 -2.96
#